data_1WOP
#
_entry.id   1WOP
#
_cell.length_a   52.846
_cell.length_b   54.091
_cell.length_c   149.240
_cell.angle_alpha   90.00
_cell.angle_beta   90.00
_cell.angle_gamma   90.00
#
_symmetry.space_group_name_H-M   'P 21 21 21'
#
loop_
_entity.id
_entity.type
_entity.pdbx_description
1 polymer Aminomethyltransferase
2 non-polymer 'N-[4-({[(6S)-2-amino-5-formyl-4-oxo-3,4,5,6,7,8-hexahydropteridin-6-yl]methyl}amino)benzoyl]-L-glutamic acid'
3 water water
#
_entity_poly.entity_id   1
_entity_poly.type   'polypeptide(L)'
_entity_poly.pdbx_seq_one_letter_code
;MKRTPLFEKHVELGAKMVDFAGWEMPLYYTSIFEEVMAVRKSVGMFDVSHMGEFLVKGPEAVSFIDFLITNDFSSLPDGK
AIYSVMCNENGGIIDDLVVYKVSPDEALMVVNAANIEKDFNWIKSHSKNFDVEVSNISDTTALIAFQGPKAQETLQELVE
DGLEEIAYYSFRKSIVAGVETLVSRTGYTGEDGFELMLEAKNAPKVWDALMNLLRKIDGRPAGLGARDVCRLEATYLLYG
QDMDENTNPFEVGLSWVVKLNKDFVGKEALLKAKEKVERKLVALELSGKRIARKGYEVLKNGERVGEITSGNFSPTLGKS
IALALVSKSVKIGDQLGVVFPGGKLVEALVVKKPFYRGSVRREV
;
_entity_poly.pdbx_strand_id   A
#
# COMPACT_ATOMS: atom_id res chain seq x y z
N MET A 1 4.91 5.45 -22.27
CA MET A 1 4.77 5.16 -20.82
C MET A 1 6.14 5.00 -20.17
N LYS A 2 6.20 5.25 -18.86
CA LYS A 2 7.44 5.10 -18.12
C LYS A 2 7.67 3.62 -17.95
N ARG A 3 8.93 3.21 -17.91
CA ARG A 3 9.25 1.80 -17.74
C ARG A 3 10.20 1.65 -16.55
N THR A 4 9.99 0.62 -15.74
CA THR A 4 10.86 0.38 -14.60
C THR A 4 12.10 -0.38 -15.10
N PRO A 5 13.12 -0.52 -14.24
CA PRO A 5 14.36 -1.23 -14.56
C PRO A 5 14.14 -2.71 -14.91
N LEU A 6 12.96 -3.23 -14.61
CA LEU A 6 12.64 -4.63 -14.88
C LEU A 6 11.70 -4.86 -16.07
N PHE A 7 11.35 -3.78 -16.76
CA PHE A 7 10.45 -3.86 -17.91
C PHE A 7 10.78 -5.02 -18.87
N GLU A 8 12.05 -5.11 -19.28
CA GLU A 8 12.47 -6.16 -20.20
C GLU A 8 12.21 -7.55 -19.63
N LYS A 9 12.42 -7.72 -18.33
CA LYS A 9 12.19 -9.00 -17.68
C LYS A 9 10.71 -9.38 -17.80
N HIS A 10 9.83 -8.41 -17.55
CA HIS A 10 8.40 -8.68 -17.64
C HIS A 10 8.00 -9.11 -19.05
N VAL A 11 8.50 -8.39 -20.05
CA VAL A 11 8.18 -8.72 -21.44
C VAL A 11 8.69 -10.10 -21.79
N GLU A 12 9.95 -10.39 -21.42
CA GLU A 12 10.54 -11.69 -21.70
C GLU A 12 9.71 -12.79 -21.03
N LEU A 13 9.14 -12.49 -19.87
CA LEU A 13 8.33 -13.46 -19.14
C LEU A 13 6.95 -13.64 -19.77
N GLY A 14 6.66 -12.83 -20.78
CA GLY A 14 5.39 -12.92 -21.47
C GLY A 14 4.20 -12.33 -20.74
N ALA A 15 4.46 -11.37 -19.87
CA ALA A 15 3.39 -10.74 -19.11
C ALA A 15 2.48 -9.86 -19.96
N LYS A 16 1.24 -9.71 -19.52
CA LYS A 16 0.28 -8.84 -20.21
C LYS A 16 0.54 -7.46 -19.62
N MET A 17 1.03 -6.54 -20.43
CA MET A 17 1.34 -5.20 -19.98
C MET A 17 0.15 -4.24 -20.05
N VAL A 18 0.02 -3.41 -19.02
CA VAL A 18 -1.05 -2.43 -18.93
C VAL A 18 -0.47 -1.10 -18.45
N ASP A 19 -1.23 -0.02 -18.64
CA ASP A 19 -0.80 1.32 -18.23
C ASP A 19 -1.29 1.63 -16.82
N PHE A 20 -0.38 1.70 -15.86
CA PHE A 20 -0.76 2.03 -14.49
C PHE A 20 -0.06 3.31 -14.05
N ALA A 21 -0.84 4.35 -13.82
CA ALA A 21 -0.29 5.64 -13.39
C ALA A 21 0.81 6.11 -14.33
N GLY A 22 0.63 5.86 -15.63
CA GLY A 22 1.61 6.27 -16.62
C GLY A 22 2.78 5.32 -16.77
N TRP A 23 2.74 4.20 -16.05
CA TRP A 23 3.80 3.20 -16.11
C TRP A 23 3.36 1.97 -16.89
N GLU A 24 4.26 1.44 -17.71
CA GLU A 24 3.96 0.23 -18.48
C GLU A 24 4.29 -0.92 -17.54
N MET A 25 3.25 -1.49 -16.93
CA MET A 25 3.42 -2.57 -15.94
C MET A 25 2.70 -3.87 -16.26
N PRO A 26 3.14 -4.97 -15.64
CA PRO A 26 2.50 -6.27 -15.86
C PRO A 26 1.24 -6.44 -15.03
N LEU A 27 0.13 -6.71 -15.70
CA LEU A 27 -1.15 -6.93 -15.03
C LEU A 27 -1.05 -8.32 -14.42
N TYR A 28 -0.46 -9.24 -15.19
CA TYR A 28 -0.26 -10.62 -14.75
C TYR A 28 0.69 -11.31 -15.71
N TYR A 29 1.23 -12.44 -15.27
CA TYR A 29 2.15 -13.22 -16.09
C TYR A 29 1.43 -14.45 -16.59
N THR A 30 0.75 -15.12 -15.68
CA THR A 30 -0.02 -16.32 -16.01
C THR A 30 -1.49 -15.97 -15.89
N SER A 31 -1.93 -15.67 -14.67
CA SER A 31 -3.31 -15.28 -14.44
C SER A 31 -3.37 -14.61 -13.07
N ILE A 32 -4.31 -13.70 -12.88
CA ILE A 32 -4.43 -13.02 -11.61
C ILE A 32 -4.68 -14.03 -10.48
N PHE A 33 -5.58 -14.98 -10.71
CA PHE A 33 -5.88 -15.99 -9.70
C PHE A 33 -4.66 -16.79 -9.26
N GLU A 34 -3.94 -17.33 -10.25
CA GLU A 34 -2.76 -18.12 -9.94
C GLU A 34 -1.75 -17.33 -9.11
N GLU A 35 -1.58 -16.05 -9.46
CA GLU A 35 -0.64 -15.21 -8.75
C GLU A 35 -1.09 -14.89 -7.34
N VAL A 36 -2.40 -14.70 -7.15
CA VAL A 36 -2.92 -14.43 -5.83
C VAL A 36 -2.71 -15.66 -4.94
N MET A 37 -2.97 -16.84 -5.50
CA MET A 37 -2.79 -18.07 -4.74
C MET A 37 -1.33 -18.30 -4.37
N ALA A 38 -0.40 -17.82 -5.21
CA ALA A 38 1.02 -17.98 -4.91
C ALA A 38 1.33 -17.11 -3.68
N VAL A 39 0.71 -15.93 -3.62
CA VAL A 39 0.91 -15.03 -2.49
C VAL A 39 0.32 -15.63 -1.22
N ARG A 40 -0.83 -16.29 -1.35
CA ARG A 40 -1.52 -16.91 -0.22
C ARG A 40 -0.97 -18.26 0.20
N LYS A 41 -0.24 -18.92 -0.69
CA LYS A 41 0.27 -20.27 -0.38
C LYS A 41 1.79 -20.39 -0.26
N SER A 42 2.52 -19.73 -1.14
CA SER A 42 3.98 -19.81 -1.12
C SER A 42 4.58 -18.42 -1.15
N VAL A 43 4.85 -17.92 -2.35
CA VAL A 43 5.41 -16.59 -2.48
C VAL A 43 5.17 -15.94 -3.85
N GLY A 44 4.79 -14.68 -3.82
CA GLY A 44 4.57 -13.93 -5.04
C GLY A 44 5.55 -12.77 -5.01
N MET A 45 6.23 -12.53 -6.12
CA MET A 45 7.19 -11.44 -6.19
C MET A 45 6.65 -10.34 -7.10
N PHE A 46 6.64 -9.11 -6.60
CA PHE A 46 6.12 -7.96 -7.36
C PHE A 46 7.16 -6.90 -7.66
N ASP A 47 7.13 -6.37 -8.88
CA ASP A 47 8.02 -5.27 -9.22
C ASP A 47 7.21 -4.03 -8.88
N VAL A 48 7.62 -3.29 -7.86
CA VAL A 48 6.89 -2.06 -7.49
C VAL A 48 7.85 -0.87 -7.54
N SER A 49 8.69 -0.87 -8.57
CA SER A 49 9.68 0.17 -8.77
C SER A 49 9.11 1.50 -9.25
N HIS A 50 7.80 1.53 -9.48
CA HIS A 50 7.13 2.76 -9.92
C HIS A 50 6.83 3.65 -8.71
N MET A 51 6.89 3.04 -7.53
CA MET A 51 6.64 3.75 -6.29
C MET A 51 7.76 4.77 -6.10
N GLY A 52 7.46 5.87 -5.41
CA GLY A 52 8.48 6.88 -5.20
C GLY A 52 9.13 6.82 -3.83
N GLU A 53 10.37 7.32 -3.75
CA GLU A 53 11.11 7.35 -2.51
C GLU A 53 11.74 8.71 -2.31
N PHE A 54 11.49 9.31 -1.16
CA PHE A 54 12.05 10.61 -0.84
C PHE A 54 13.01 10.44 0.33
N LEU A 55 14.08 11.24 0.31
CA LEU A 55 15.07 11.19 1.36
C LEU A 55 15.05 12.51 2.11
N VAL A 56 14.96 12.44 3.43
CA VAL A 56 14.97 13.64 4.25
C VAL A 56 16.24 13.57 5.11
N LYS A 57 17.21 14.44 4.80
CA LYS A 57 18.47 14.45 5.53
C LYS A 57 18.71 15.76 6.27
N GLY A 58 19.21 15.65 7.49
CA GLY A 58 19.48 16.84 8.27
C GLY A 58 19.20 16.65 9.75
N PRO A 59 19.75 17.53 10.59
CA PRO A 59 19.59 17.50 12.05
C PRO A 59 18.14 17.43 12.52
N GLU A 60 17.22 18.03 11.76
CA GLU A 60 15.82 18.02 12.15
C GLU A 60 14.92 17.11 11.33
N ALA A 61 15.47 16.01 10.82
CA ALA A 61 14.70 15.07 10.03
C ALA A 61 13.50 14.53 10.79
N VAL A 62 13.72 14.18 12.06
CA VAL A 62 12.65 13.63 12.88
C VAL A 62 11.49 14.60 13.10
N SER A 63 11.77 15.79 13.63
CA SER A 63 10.71 16.77 13.86
C SER A 63 9.99 17.15 12.57
N PHE A 64 10.71 17.21 11.46
CA PHE A 64 10.11 17.56 10.18
C PHE A 64 9.08 16.51 9.77
N ILE A 65 9.48 15.24 9.81
CA ILE A 65 8.57 14.15 9.45
C ILE A 65 7.37 14.15 10.39
N ASP A 66 7.64 14.35 11.69
CA ASP A 66 6.56 14.36 12.67
C ASP A 66 5.58 15.50 12.45
N PHE A 67 6.04 16.56 11.80
CA PHE A 67 5.20 17.71 11.49
C PHE A 67 4.35 17.43 10.25
N LEU A 68 4.92 16.68 9.31
CA LEU A 68 4.24 16.35 8.06
C LEU A 68 3.20 15.24 8.15
N ILE A 69 3.55 14.14 8.82
CA ILE A 69 2.64 13.00 8.92
C ILE A 69 1.76 13.02 10.16
N THR A 70 0.65 12.27 10.11
CA THR A 70 -0.29 12.22 11.21
C THR A 70 0.15 11.28 12.34
N ASN A 71 0.91 10.23 12.01
CA ASN A 71 1.35 9.28 13.02
C ASN A 71 2.50 9.82 13.85
N ASP A 72 2.79 9.16 14.97
CA ASP A 72 3.85 9.63 15.87
C ASP A 72 5.24 9.13 15.50
N PHE A 73 6.04 10.02 14.92
CA PHE A 73 7.39 9.70 14.48
C PHE A 73 8.42 10.23 15.49
N SER A 74 7.98 11.12 16.38
CA SER A 74 8.87 11.74 17.37
C SER A 74 9.77 10.82 18.17
N SER A 75 9.30 9.62 18.48
CA SER A 75 10.09 8.70 19.28
C SER A 75 10.43 7.39 18.59
N LEU A 76 9.97 7.20 17.36
CA LEU A 76 10.27 5.97 16.64
C LEU A 76 11.78 5.73 16.69
N PRO A 77 12.21 4.54 17.12
CA PRO A 77 13.65 4.26 17.19
C PRO A 77 14.25 3.90 15.83
N ASP A 78 15.58 3.88 15.78
CA ASP A 78 16.30 3.54 14.55
C ASP A 78 15.88 2.17 14.05
N GLY A 79 15.83 2.01 12.73
CA GLY A 79 15.47 0.73 12.15
C GLY A 79 13.99 0.43 12.08
N LYS A 80 13.17 1.36 12.56
CA LYS A 80 11.72 1.18 12.55
C LYS A 80 11.07 1.93 11.39
N ALA A 81 9.99 1.35 10.87
CA ALA A 81 9.22 1.96 9.78
C ALA A 81 7.85 2.24 10.36
N ILE A 82 7.06 3.08 9.70
CA ILE A 82 5.75 3.41 10.22
C ILE A 82 4.78 3.77 9.11
N TYR A 83 3.55 3.28 9.20
CA TYR A 83 2.52 3.55 8.20
C TYR A 83 1.76 4.80 8.65
N SER A 84 1.47 5.69 7.72
CA SER A 84 0.78 6.91 8.08
C SER A 84 0.15 7.58 6.89
N VAL A 85 -0.53 8.69 7.15
CA VAL A 85 -1.15 9.49 6.12
C VAL A 85 -0.50 10.86 6.27
N MET A 86 -0.66 11.69 5.25
CA MET A 86 -0.10 13.04 5.22
C MET A 86 -1.31 13.87 4.81
N CYS A 87 -1.71 14.84 5.63
CA CYS A 87 -2.88 15.67 5.35
C CYS A 87 -2.59 17.13 5.02
N ASN A 88 -3.56 17.78 4.38
CA ASN A 88 -3.44 19.19 4.07
C ASN A 88 -4.04 19.95 5.26
N GLU A 89 -4.08 21.28 5.16
CA GLU A 89 -4.59 22.14 6.21
C GLU A 89 -6.02 21.83 6.63
N ASN A 90 -6.82 21.33 5.69
CA ASN A 90 -8.20 21.03 5.98
C ASN A 90 -8.44 19.59 6.44
N GLY A 91 -7.36 18.86 6.70
CA GLY A 91 -7.48 17.48 7.16
C GLY A 91 -7.72 16.44 6.07
N GLY A 92 -7.70 16.89 4.81
CA GLY A 92 -7.88 15.96 3.71
C GLY A 92 -6.61 15.17 3.52
N ILE A 93 -6.73 13.93 3.05
CA ILE A 93 -5.56 13.08 2.86
C ILE A 93 -4.85 13.31 1.53
N ILE A 94 -3.60 13.74 1.63
CA ILE A 94 -2.77 14.01 0.45
C ILE A 94 -2.24 12.70 -0.11
N ASP A 95 -1.90 11.76 0.80
CA ASP A 95 -1.40 10.46 0.39
C ASP A 95 -1.15 9.62 1.64
N ASP A 96 -1.07 8.30 1.46
CA ASP A 96 -0.72 7.47 2.60
C ASP A 96 0.69 7.03 2.26
N LEU A 97 1.48 6.63 3.25
CA LEU A 97 2.85 6.26 2.97
C LEU A 97 3.49 5.50 4.11
N VAL A 98 4.75 5.11 3.87
CA VAL A 98 5.55 4.39 4.85
C VAL A 98 6.85 5.18 5.00
N VAL A 99 7.19 5.52 6.24
CA VAL A 99 8.40 6.27 6.52
C VAL A 99 9.34 5.39 7.33
N TYR A 100 10.62 5.44 6.99
CA TYR A 100 11.66 4.65 7.65
C TYR A 100 12.56 5.56 8.45
N LYS A 101 12.76 5.24 9.72
CA LYS A 101 13.62 6.02 10.61
C LYS A 101 14.98 5.35 10.56
N VAL A 102 15.86 5.88 9.71
CA VAL A 102 17.20 5.34 9.55
C VAL A 102 18.05 5.80 10.72
N SER A 103 18.01 7.10 10.99
CA SER A 103 18.76 7.69 12.09
C SER A 103 18.16 9.07 12.37
N PRO A 104 18.59 9.72 13.46
CA PRO A 104 18.05 11.04 13.78
C PRO A 104 18.26 12.03 12.64
N ASP A 105 19.24 11.77 11.79
CA ASP A 105 19.53 12.65 10.66
C ASP A 105 19.09 12.15 9.29
N GLU A 106 18.36 11.04 9.27
CA GLU A 106 17.90 10.51 7.98
C GLU A 106 16.62 9.69 8.07
N ALA A 107 15.68 10.03 7.20
CA ALA A 107 14.40 9.33 7.12
C ALA A 107 14.06 9.12 5.64
N LEU A 108 13.47 7.98 5.34
CA LEU A 108 13.08 7.64 3.96
C LEU A 108 11.57 7.57 3.86
N MET A 109 11.03 8.14 2.78
CA MET A 109 9.59 8.15 2.56
C MET A 109 9.26 7.39 1.26
N VAL A 110 8.35 6.41 1.36
CA VAL A 110 7.94 5.64 0.20
C VAL A 110 6.49 5.99 -0.07
N VAL A 111 6.23 6.54 -1.25
CA VAL A 111 4.88 6.98 -1.61
C VAL A 111 4.36 6.30 -2.87
N ASN A 112 3.07 6.48 -3.13
CA ASN A 112 2.44 5.90 -4.31
C ASN A 112 2.95 6.52 -5.60
N ALA A 113 2.93 5.73 -6.67
CA ALA A 113 3.40 6.16 -7.98
C ALA A 113 2.73 7.41 -8.55
N ALA A 114 1.40 7.44 -8.54
CA ALA A 114 0.67 8.56 -9.12
C ALA A 114 0.86 9.91 -8.41
N ASN A 115 1.37 9.90 -7.18
CA ASN A 115 1.52 11.13 -6.43
C ASN A 115 2.94 11.60 -6.14
N ILE A 116 3.93 11.03 -6.82
CA ILE A 116 5.32 11.42 -6.56
C ILE A 116 5.51 12.93 -6.67
N GLU A 117 5.09 13.51 -7.79
CA GLU A 117 5.22 14.96 -8.03
C GLU A 117 4.47 15.77 -6.99
N LYS A 118 3.20 15.46 -6.79
CA LYS A 118 2.39 16.17 -5.81
C LYS A 118 3.03 16.09 -4.42
N ASP A 119 3.33 14.88 -4.00
CA ASP A 119 3.94 14.66 -2.69
C ASP A 119 5.25 15.43 -2.49
N PHE A 120 6.15 15.31 -3.46
CA PHE A 120 7.45 15.97 -3.38
C PHE A 120 7.33 17.48 -3.24
N ASN A 121 6.44 18.08 -4.03
CA ASN A 121 6.23 19.53 -3.97
C ASN A 121 5.65 19.90 -2.60
N TRP A 122 4.73 19.09 -2.10
CA TRP A 122 4.13 19.36 -0.81
C TRP A 122 5.16 19.30 0.31
N ILE A 123 5.96 18.25 0.32
CA ILE A 123 6.98 18.07 1.34
C ILE A 123 8.05 19.17 1.31
N LYS A 124 8.47 19.56 0.11
CA LYS A 124 9.48 20.61 -0.03
C LYS A 124 8.96 21.98 0.39
N SER A 125 7.73 22.30 0.01
CA SER A 125 7.15 23.59 0.36
C SER A 125 6.88 23.72 1.86
N HIS A 126 7.14 22.65 2.61
CA HIS A 126 6.94 22.67 4.06
C HIS A 126 8.23 22.52 4.85
N SER A 127 9.35 22.38 4.16
CA SER A 127 10.63 22.20 4.85
C SER A 127 11.26 23.52 5.27
N LYS A 128 10.70 24.62 4.81
CA LYS A 128 11.21 25.95 5.11
C LYS A 128 11.78 26.14 6.52
N ASN A 129 10.97 25.90 7.54
CA ASN A 129 11.42 26.10 8.90
C ASN A 129 12.05 24.89 9.59
N PHE A 130 12.65 24.00 8.80
CA PHE A 130 13.32 22.83 9.35
C PHE A 130 14.71 22.69 8.77
N ASP A 131 15.66 22.28 9.60
CA ASP A 131 17.03 22.10 9.16
C ASP A 131 17.15 20.72 8.51
N VAL A 132 16.64 20.63 7.28
CA VAL A 132 16.68 19.39 6.52
C VAL A 132 16.80 19.72 5.04
N GLU A 133 17.12 18.70 4.27
CA GLU A 133 17.21 18.81 2.82
C GLU A 133 16.39 17.64 2.33
N VAL A 134 15.43 17.91 1.44
CA VAL A 134 14.55 16.90 0.90
C VAL A 134 14.95 16.57 -0.52
N SER A 135 15.18 15.29 -0.81
CA SER A 135 15.57 14.88 -2.14
C SER A 135 14.71 13.72 -2.65
N ASN A 136 14.52 13.69 -3.96
CA ASN A 136 13.73 12.64 -4.62
C ASN A 136 14.72 11.66 -5.26
N ILE A 137 14.75 10.42 -4.77
CA ILE A 137 15.68 9.44 -5.34
C ILE A 137 14.97 8.37 -6.17
N SER A 138 13.68 8.61 -6.45
CA SER A 138 12.87 7.67 -7.23
C SER A 138 13.49 7.29 -8.56
N ASP A 139 14.00 8.29 -9.29
CA ASP A 139 14.55 8.06 -10.61
C ASP A 139 15.66 7.01 -10.68
N THR A 140 16.32 6.74 -9.57
CA THR A 140 17.41 5.75 -9.57
C THR A 140 17.22 4.66 -8.53
N THR A 141 15.99 4.50 -8.06
CA THR A 141 15.69 3.50 -7.03
C THR A 141 14.68 2.47 -7.52
N ALA A 142 14.92 1.21 -7.14
CA ALA A 142 14.02 0.12 -7.50
C ALA A 142 13.48 -0.47 -6.21
N LEU A 143 12.31 -1.11 -6.30
CA LEU A 143 11.69 -1.71 -5.13
C LEU A 143 10.99 -2.99 -5.53
N ILE A 144 11.32 -4.08 -4.84
CA ILE A 144 10.74 -5.39 -5.11
C ILE A 144 10.05 -5.91 -3.85
N ALA A 145 8.82 -6.40 -4.01
CA ALA A 145 8.08 -6.96 -2.88
C ALA A 145 8.05 -8.48 -3.03
N PHE A 146 8.54 -9.18 -2.00
CA PHE A 146 8.61 -10.64 -1.98
C PHE A 146 7.64 -11.04 -0.87
N GLN A 147 6.40 -11.39 -1.26
CA GLN A 147 5.33 -11.69 -0.30
C GLN A 147 4.78 -13.11 -0.27
N GLY A 148 4.53 -13.60 0.94
CA GLY A 148 3.98 -14.95 1.09
C GLY A 148 4.42 -15.70 2.33
N PRO A 149 3.65 -16.71 2.75
CA PRO A 149 4.00 -17.48 3.96
C PRO A 149 5.40 -18.10 3.86
N LYS A 150 5.87 -18.34 2.65
CA LYS A 150 7.20 -18.94 2.46
C LYS A 150 8.24 -17.92 2.01
N ALA A 151 7.90 -16.64 2.14
CA ALA A 151 8.80 -15.57 1.74
C ALA A 151 10.16 -15.62 2.44
N GLN A 152 10.16 -15.63 3.77
CA GLN A 152 11.40 -15.65 4.53
C GLN A 152 12.31 -16.84 4.22
N GLU A 153 11.77 -18.04 4.29
CA GLU A 153 12.56 -19.25 4.04
C GLU A 153 13.13 -19.33 2.61
N THR A 154 12.45 -18.71 1.65
CA THR A 154 12.92 -18.74 0.27
C THR A 154 14.00 -17.67 0.03
N LEU A 155 13.80 -16.50 0.63
CA LEU A 155 14.72 -15.37 0.47
C LEU A 155 16.03 -15.43 1.26
N GLN A 156 15.99 -16.03 2.44
CA GLN A 156 17.15 -16.10 3.33
C GLN A 156 18.50 -16.49 2.72
N GLU A 157 18.52 -17.51 1.86
CA GLU A 157 19.78 -17.96 1.30
C GLU A 157 20.49 -16.95 0.41
N LEU A 158 19.81 -15.86 0.06
CA LEU A 158 20.40 -14.81 -0.76
C LEU A 158 20.82 -13.61 0.08
N VAL A 159 20.46 -13.61 1.36
CA VAL A 159 20.77 -12.49 2.24
C VAL A 159 21.89 -12.80 3.24
N GLU A 160 22.89 -11.92 3.32
CA GLU A 160 24.03 -12.14 4.21
C GLU A 160 23.73 -12.03 5.70
N ASP A 161 22.55 -11.51 6.04
CA ASP A 161 22.13 -11.35 7.44
C ASP A 161 20.87 -12.17 7.73
N GLY A 162 20.67 -12.54 8.99
CA GLY A 162 19.50 -13.32 9.36
C GLY A 162 18.21 -12.51 9.29
N LEU A 163 17.25 -12.98 8.50
CA LEU A 163 15.98 -12.29 8.35
C LEU A 163 15.08 -12.32 9.59
N GLU A 164 15.18 -13.39 10.38
CA GLU A 164 14.36 -13.50 11.58
C GLU A 164 14.57 -12.32 12.52
N GLU A 165 15.76 -11.75 12.50
CA GLU A 165 16.08 -10.61 13.36
C GLU A 165 15.35 -9.33 12.94
N ILE A 166 14.78 -9.34 11.74
CA ILE A 166 14.06 -8.16 11.25
C ILE A 166 12.58 -8.28 11.58
N ALA A 167 12.11 -7.47 12.53
CA ALA A 167 10.72 -7.51 12.95
C ALA A 167 9.78 -6.82 11.96
N TYR A 168 8.48 -7.03 12.17
CA TYR A 168 7.47 -6.42 11.31
C TYR A 168 7.62 -4.91 11.39
N TYR A 169 7.56 -4.25 10.24
CA TYR A 169 7.74 -2.81 10.16
C TYR A 169 9.07 -2.36 10.76
N SER A 170 10.10 -3.12 10.43
CA SER A 170 11.47 -2.84 10.84
C SER A 170 12.28 -3.12 9.58
N PHE A 171 13.53 -2.67 9.55
CA PHE A 171 14.36 -2.90 8.38
C PHE A 171 15.83 -2.88 8.75
N ARG A 172 16.68 -3.20 7.79
CA ARG A 172 18.11 -3.18 8.01
C ARG A 172 18.83 -3.19 6.67
N LYS A 173 19.91 -2.43 6.57
CA LYS A 173 20.70 -2.39 5.35
C LYS A 173 21.47 -3.70 5.32
N SER A 174 21.42 -4.39 4.18
CA SER A 174 22.11 -5.66 4.07
C SER A 174 22.54 -5.86 2.62
N ILE A 175 22.88 -7.11 2.28
CA ILE A 175 23.28 -7.45 0.93
C ILE A 175 22.45 -8.62 0.46
N VAL A 176 21.79 -8.43 -0.69
CA VAL A 176 20.95 -9.46 -1.27
C VAL A 176 21.46 -9.78 -2.67
N ALA A 177 21.76 -11.05 -2.92
CA ALA A 177 22.26 -11.48 -4.21
C ALA A 177 23.49 -10.64 -4.58
N GLY A 178 24.30 -10.34 -3.58
CA GLY A 178 25.51 -9.57 -3.81
C GLY A 178 25.37 -8.07 -3.99
N VAL A 179 24.17 -7.52 -3.78
CA VAL A 179 23.99 -6.08 -3.95
C VAL A 179 23.41 -5.40 -2.71
N GLU A 180 23.78 -4.14 -2.51
CA GLU A 180 23.31 -3.37 -1.38
C GLU A 180 21.81 -3.25 -1.47
N THR A 181 21.13 -3.65 -0.39
CA THR A 181 19.68 -3.61 -0.38
C THR A 181 19.13 -3.30 0.99
N LEU A 182 18.14 -2.41 1.03
CA LEU A 182 17.48 -2.08 2.29
C LEU A 182 16.33 -3.08 2.36
N VAL A 183 16.43 -4.00 3.31
CA VAL A 183 15.42 -5.05 3.49
C VAL A 183 14.48 -4.71 4.65
N SER A 184 13.19 -4.65 4.37
CA SER A 184 12.21 -4.34 5.40
C SER A 184 11.14 -5.42 5.44
N ARG A 185 10.66 -5.75 6.63
CA ARG A 185 9.62 -6.73 6.77
C ARG A 185 8.31 -5.95 6.67
N THR A 186 7.94 -5.63 5.44
CA THR A 186 6.74 -4.85 5.16
C THR A 186 6.05 -5.45 3.94
N GLY A 187 4.86 -4.95 3.64
CA GLY A 187 4.13 -5.47 2.49
C GLY A 187 2.75 -4.88 2.38
N TYR A 188 2.05 -5.27 1.33
CA TYR A 188 0.72 -4.76 1.02
C TYR A 188 -0.17 -5.95 0.66
N THR A 189 0.07 -7.10 1.29
CA THR A 189 -0.68 -8.32 0.98
C THR A 189 -1.43 -9.03 2.11
N GLY A 190 -1.03 -8.82 3.35
CA GLY A 190 -1.70 -9.50 4.44
C GLY A 190 -0.97 -10.79 4.80
N GLU A 191 0.12 -11.06 4.09
CA GLU A 191 0.94 -12.24 4.36
C GLU A 191 2.25 -11.74 4.94
N ASP A 192 3.11 -12.66 5.36
CA ASP A 192 4.42 -12.25 5.87
C ASP A 192 5.18 -11.88 4.60
N GLY A 193 6.28 -11.16 4.73
CA GLY A 193 7.01 -10.80 3.53
C GLY A 193 7.98 -9.66 3.71
N PHE A 194 8.67 -9.31 2.62
CA PHE A 194 9.65 -8.24 2.66
C PHE A 194 9.59 -7.39 1.41
N GLU A 195 10.21 -6.23 1.50
CA GLU A 195 10.33 -5.32 0.38
C GLU A 195 11.83 -5.08 0.29
N LEU A 196 12.34 -5.04 -0.94
CA LEU A 196 13.76 -4.86 -1.14
C LEU A 196 14.00 -3.59 -1.92
N MET A 197 14.63 -2.61 -1.28
CA MET A 197 14.91 -1.34 -1.94
C MET A 197 16.38 -1.36 -2.35
N LEU A 198 16.64 -1.03 -3.61
CA LEU A 198 18.01 -1.03 -4.11
C LEU A 198 18.13 -0.10 -5.30
N GLU A 199 19.37 0.15 -5.72
CA GLU A 199 19.62 1.00 -6.88
C GLU A 199 19.04 0.31 -8.10
N ALA A 200 18.41 1.09 -8.97
CA ALA A 200 17.78 0.57 -10.18
C ALA A 200 18.72 -0.30 -11.03
N LYS A 201 19.98 0.10 -11.13
CA LYS A 201 20.95 -0.64 -11.92
C LYS A 201 21.10 -2.10 -11.50
N ASN A 202 20.86 -2.38 -10.22
CA ASN A 202 20.99 -3.74 -9.71
C ASN A 202 19.70 -4.54 -9.68
N ALA A 203 18.59 -3.91 -10.08
CA ALA A 203 17.31 -4.59 -10.06
C ALA A 203 17.26 -5.89 -10.86
N PRO A 204 17.78 -5.88 -12.11
CA PRO A 204 17.77 -7.10 -12.92
C PRO A 204 18.43 -8.31 -12.27
N LYS A 205 19.61 -8.11 -11.69
CA LYS A 205 20.33 -9.20 -11.06
C LYS A 205 19.55 -9.80 -9.88
N VAL A 206 19.07 -8.96 -8.98
CA VAL A 206 18.32 -9.43 -7.83
C VAL A 206 17.07 -10.19 -8.24
N TRP A 207 16.35 -9.63 -9.21
CA TRP A 207 15.13 -10.25 -9.72
C TRP A 207 15.40 -11.63 -10.32
N ASP A 208 16.48 -11.75 -11.10
CA ASP A 208 16.80 -13.04 -11.71
C ASP A 208 17.15 -14.07 -10.65
N ALA A 209 17.91 -13.65 -9.65
CA ALA A 209 18.31 -14.55 -8.57
C ALA A 209 17.05 -15.03 -7.84
N LEU A 210 16.14 -14.11 -7.55
CA LEU A 210 14.90 -14.46 -6.87
C LEU A 210 14.02 -15.38 -7.72
N MET A 211 13.94 -15.10 -9.02
CA MET A 211 13.14 -15.92 -9.94
C MET A 211 13.62 -17.37 -9.89
N ASN A 212 14.93 -17.55 -9.87
CA ASN A 212 15.51 -18.88 -9.82
C ASN A 212 15.01 -19.63 -8.59
N LEU A 213 14.88 -18.92 -7.47
CA LEU A 213 14.42 -19.56 -6.23
C LEU A 213 12.92 -19.83 -6.20
N LEU A 214 12.14 -18.94 -6.82
CA LEU A 214 10.68 -19.10 -6.87
C LEU A 214 10.27 -20.42 -7.51
N ARG A 215 10.87 -20.71 -8.65
CA ARG A 215 10.59 -21.93 -9.39
C ARG A 215 10.85 -23.16 -8.54
N LYS A 216 11.80 -23.06 -7.63
CA LYS A 216 12.14 -24.18 -6.75
C LYS A 216 10.98 -24.53 -5.83
N ILE A 217 10.34 -23.51 -5.28
CA ILE A 217 9.22 -23.73 -4.36
C ILE A 217 7.84 -23.43 -4.91
N ASP A 218 7.72 -23.45 -6.24
CA ASP A 218 6.45 -23.21 -6.90
C ASP A 218 5.88 -21.82 -6.61
N GLY A 219 6.76 -20.83 -6.51
CA GLY A 219 6.35 -19.46 -6.27
C GLY A 219 6.07 -18.82 -7.62
N ARG A 220 5.68 -17.55 -7.65
CA ARG A 220 5.37 -16.91 -8.93
C ARG A 220 5.61 -15.41 -8.98
N PRO A 221 6.01 -14.90 -10.16
CA PRO A 221 6.20 -13.44 -10.22
C PRO A 221 4.74 -12.98 -10.25
N ALA A 222 4.41 -11.89 -9.57
CA ALA A 222 3.03 -11.45 -9.53
C ALA A 222 2.86 -10.01 -10.03
N GLY A 223 1.83 -9.78 -10.82
CA GLY A 223 1.59 -8.46 -11.36
C GLY A 223 0.65 -7.59 -10.53
N LEU A 224 0.24 -6.47 -11.12
CA LEU A 224 -0.62 -5.52 -10.43
C LEU A 224 -2.03 -6.05 -10.18
N GLY A 225 -2.48 -6.98 -11.03
CA GLY A 225 -3.80 -7.55 -10.84
C GLY A 225 -3.89 -8.21 -9.48
N ALA A 226 -2.90 -9.05 -9.19
CA ALA A 226 -2.82 -9.76 -7.91
C ALA A 226 -2.54 -8.79 -6.77
N ARG A 227 -1.75 -7.77 -7.06
CA ARG A 227 -1.43 -6.79 -6.03
C ARG A 227 -2.72 -6.15 -5.51
N ASP A 228 -3.64 -5.81 -6.41
CA ASP A 228 -4.88 -5.18 -5.98
C ASP A 228 -5.81 -6.14 -5.26
N VAL A 229 -5.88 -7.38 -5.73
CA VAL A 229 -6.74 -8.39 -5.11
C VAL A 229 -6.29 -8.64 -3.67
N CYS A 230 -5.00 -8.92 -3.49
CA CYS A 230 -4.44 -9.20 -2.17
C CYS A 230 -4.56 -8.04 -1.21
N ARG A 231 -4.33 -6.81 -1.69
CA ARG A 231 -4.45 -5.65 -0.80
C ARG A 231 -5.91 -5.41 -0.40
N LEU A 232 -6.83 -5.69 -1.31
CA LEU A 232 -8.25 -5.50 -1.01
C LEU A 232 -8.69 -6.56 0.00
N GLU A 233 -8.27 -7.80 -0.24
CA GLU A 233 -8.61 -8.89 0.69
C GLU A 233 -8.08 -8.51 2.08
N ALA A 234 -6.84 -8.04 2.12
CA ALA A 234 -6.20 -7.63 3.38
C ALA A 234 -6.88 -6.37 3.92
N THR A 235 -7.67 -5.75 3.07
CA THR A 235 -8.41 -4.55 3.41
C THR A 235 -7.50 -3.33 3.68
N TYR A 236 -6.44 -3.19 2.90
CA TYR A 236 -5.55 -2.05 3.01
C TYR A 236 -6.07 -1.05 1.99
N LEU A 237 -5.94 0.24 2.25
CA LEU A 237 -6.46 1.24 1.34
C LEU A 237 -5.55 1.58 0.16
N LEU A 238 -6.18 1.98 -0.93
CA LEU A 238 -5.48 2.37 -2.15
C LEU A 238 -5.80 3.84 -2.41
N TYR A 239 -4.81 4.71 -2.23
CA TYR A 239 -5.03 6.13 -2.44
C TYR A 239 -5.57 6.46 -3.82
N GLY A 240 -6.54 7.37 -3.88
CA GLY A 240 -7.13 7.74 -5.15
C GLY A 240 -8.40 6.99 -5.42
N GLN A 241 -8.54 5.82 -4.80
CA GLN A 241 -9.74 5.01 -4.98
C GLN A 241 -10.56 5.01 -3.70
N ASP A 242 -9.93 4.59 -2.60
CA ASP A 242 -10.60 4.52 -1.31
C ASP A 242 -10.60 5.85 -0.56
N MET A 243 -9.55 6.65 -0.75
CA MET A 243 -9.45 7.93 -0.08
C MET A 243 -8.66 8.94 -0.92
N ASP A 244 -8.93 10.22 -0.71
CA ASP A 244 -8.25 11.30 -1.41
C ASP A 244 -8.36 12.56 -0.56
N GLU A 245 -8.13 13.73 -1.14
CA GLU A 245 -8.21 14.96 -0.34
C GLU A 245 -9.61 15.29 0.16
N ASN A 246 -10.62 14.63 -0.40
CA ASN A 246 -11.99 14.88 0.01
C ASN A 246 -12.45 14.02 1.18
N THR A 247 -11.53 13.23 1.74
CA THR A 247 -11.82 12.39 2.90
C THR A 247 -10.76 12.62 3.96
N ASN A 248 -11.16 12.67 5.23
CA ASN A 248 -10.17 12.81 6.28
C ASN A 248 -9.91 11.38 6.75
N PRO A 249 -8.85 11.14 7.53
CA PRO A 249 -8.51 9.80 8.01
C PRO A 249 -9.59 9.09 8.82
N PHE A 250 -10.35 9.84 9.61
CA PHE A 250 -11.39 9.22 10.43
C PHE A 250 -12.50 8.58 9.61
N GLU A 251 -12.79 9.17 8.46
CA GLU A 251 -13.85 8.67 7.59
C GLU A 251 -13.53 7.37 6.86
N VAL A 252 -12.25 7.04 6.75
CA VAL A 252 -11.85 5.83 6.05
C VAL A 252 -11.19 4.79 6.93
N GLY A 253 -11.46 4.85 8.23
CA GLY A 253 -10.91 3.89 9.17
C GLY A 253 -9.44 4.02 9.51
N LEU A 254 -8.84 5.19 9.29
CA LEU A 254 -7.43 5.36 9.60
C LEU A 254 -7.17 6.18 10.85
N SER A 255 -8.14 6.19 11.76
CA SER A 255 -7.99 6.94 12.99
C SER A 255 -6.76 6.51 13.79
N TRP A 256 -6.40 5.24 13.70
CA TRP A 256 -5.25 4.73 14.44
C TRP A 256 -3.89 5.28 14.02
N VAL A 257 -3.80 5.90 12.85
CA VAL A 257 -2.52 6.47 12.42
C VAL A 257 -2.46 7.98 12.67
N VAL A 258 -3.48 8.49 13.37
CA VAL A 258 -3.56 9.92 13.68
C VAL A 258 -3.41 10.18 15.18
N LYS A 259 -2.30 10.83 15.55
CA LYS A 259 -2.04 11.15 16.94
C LYS A 259 -2.26 12.63 17.20
N LEU A 260 -3.45 12.97 17.67
CA LEU A 260 -3.83 14.36 17.92
C LEU A 260 -3.10 15.00 19.10
N ASN A 261 -2.40 14.20 19.90
CA ASN A 261 -1.69 14.74 21.04
C ASN A 261 -0.45 15.49 20.61
N LYS A 262 -0.13 15.44 19.31
CA LYS A 262 1.04 16.13 18.79
C LYS A 262 0.61 17.16 17.76
N ASP A 263 1.57 17.99 17.34
CA ASP A 263 1.31 19.03 16.36
C ASP A 263 1.74 18.61 14.95
N PHE A 264 0.83 18.77 13.99
CA PHE A 264 1.14 18.41 12.60
C PHE A 264 0.20 19.14 11.66
N VAL A 265 0.51 19.10 10.37
CA VAL A 265 -0.33 19.77 9.38
C VAL A 265 -1.70 19.13 9.33
N GLY A 266 -2.74 19.93 9.55
CA GLY A 266 -4.11 19.42 9.53
C GLY A 266 -4.65 19.13 10.91
N LYS A 267 -3.78 19.24 11.92
CA LYS A 267 -4.13 18.99 13.31
C LYS A 267 -5.44 19.64 13.74
N GLU A 268 -5.51 20.97 13.70
CA GLU A 268 -6.72 21.67 14.12
C GLU A 268 -7.97 21.21 13.36
N ALA A 269 -7.84 21.07 12.04
CA ALA A 269 -8.97 20.62 11.23
C ALA A 269 -9.41 19.23 11.66
N LEU A 270 -8.46 18.35 11.98
CA LEU A 270 -8.79 16.99 12.38
C LEU A 270 -9.44 16.92 13.76
N LEU A 271 -9.09 17.86 14.65
CA LEU A 271 -9.68 17.87 15.99
C LEU A 271 -11.18 18.05 15.84
N LYS A 272 -11.57 19.03 15.02
CA LYS A 272 -12.98 19.31 14.79
C LYS A 272 -13.63 18.17 14.02
N ALA A 273 -12.89 17.59 13.06
CA ALA A 273 -13.41 16.49 12.25
C ALA A 273 -13.73 15.26 13.11
N LYS A 274 -12.86 14.99 14.08
CA LYS A 274 -13.02 13.85 14.97
C LYS A 274 -14.32 13.94 15.78
N GLU A 275 -14.75 15.16 16.06
CA GLU A 275 -15.98 15.39 16.82
C GLU A 275 -17.24 14.99 16.07
N LYS A 276 -17.16 14.98 14.74
CA LYS A 276 -18.30 14.63 13.91
C LYS A 276 -17.96 13.77 12.69
N VAL A 277 -17.75 12.48 12.92
CA VAL A 277 -17.43 11.56 11.83
C VAL A 277 -18.76 11.06 11.24
N GLU A 278 -19.11 11.58 10.06
CA GLU A 278 -20.36 11.23 9.41
C GLU A 278 -20.28 10.11 8.39
N ARG A 279 -19.07 9.72 8.01
CA ARG A 279 -18.89 8.67 7.02
C ARG A 279 -17.95 7.59 7.52
N LYS A 280 -18.07 6.40 6.93
CA LYS A 280 -17.23 5.26 7.30
C LYS A 280 -17.01 4.40 6.06
N LEU A 281 -15.89 3.66 6.04
CA LEU A 281 -15.59 2.79 4.92
C LEU A 281 -15.91 1.37 5.36
N VAL A 282 -16.89 0.76 4.72
CA VAL A 282 -17.30 -0.59 5.06
C VAL A 282 -16.91 -1.62 4.02
N ALA A 283 -16.78 -2.86 4.46
CA ALA A 283 -16.43 -3.98 3.60
C ALA A 283 -17.71 -4.66 3.14
N LEU A 284 -17.83 -4.87 1.83
CA LEU A 284 -19.02 -5.50 1.28
C LEU A 284 -18.72 -6.81 0.55
N GLU A 285 -19.66 -7.74 0.67
CA GLU A 285 -19.57 -9.01 -0.03
C GLU A 285 -20.83 -9.03 -0.88
N LEU A 286 -20.65 -8.94 -2.19
CA LEU A 286 -21.77 -8.93 -3.12
C LEU A 286 -22.17 -10.32 -3.54
N SER A 287 -23.40 -10.44 -4.03
CA SER A 287 -23.90 -11.72 -4.51
C SER A 287 -23.50 -11.77 -5.97
N GLY A 288 -23.17 -12.96 -6.47
CA GLY A 288 -22.81 -13.07 -7.88
C GLY A 288 -21.34 -12.92 -8.20
N LYS A 289 -21.03 -12.81 -9.49
CA LYS A 289 -19.66 -12.70 -9.95
C LYS A 289 -19.29 -11.32 -10.49
N ARG A 290 -20.26 -10.42 -10.58
CA ARG A 290 -19.98 -9.09 -11.09
C ARG A 290 -19.16 -8.30 -10.07
N ILE A 291 -18.18 -7.55 -10.57
CA ILE A 291 -17.30 -6.74 -9.72
C ILE A 291 -17.72 -5.27 -9.71
N ALA A 292 -17.96 -4.73 -8.52
CA ALA A 292 -18.37 -3.33 -8.37
C ALA A 292 -17.23 -2.39 -8.70
N ARG A 293 -17.56 -1.22 -9.26
CA ARG A 293 -16.56 -0.24 -9.62
C ARG A 293 -16.75 1.06 -8.84
N LYS A 294 -15.68 1.81 -8.68
CA LYS A 294 -15.73 3.07 -7.95
C LYS A 294 -16.85 3.93 -8.52
N GLY A 295 -17.62 4.56 -7.65
CA GLY A 295 -18.71 5.40 -8.13
C GLY A 295 -20.09 4.76 -8.11
N TYR A 296 -20.16 3.43 -8.22
CA TYR A 296 -21.46 2.78 -8.20
C TYR A 296 -22.16 3.18 -6.90
N GLU A 297 -23.40 3.61 -7.00
CA GLU A 297 -24.14 4.04 -5.82
C GLU A 297 -24.52 2.87 -4.92
N VAL A 298 -24.48 3.11 -3.61
CA VAL A 298 -24.81 2.10 -2.64
C VAL A 298 -26.08 2.54 -1.91
N LEU A 299 -27.08 1.67 -1.92
CA LEU A 299 -28.37 1.94 -1.29
C LEU A 299 -28.74 0.99 -0.16
N LYS A 300 -29.65 1.45 0.69
CA LYS A 300 -30.15 0.68 1.81
C LYS A 300 -31.67 0.81 1.77
N ASN A 301 -32.34 -0.27 1.34
CA ASN A 301 -33.79 -0.27 1.23
C ASN A 301 -34.32 0.86 0.36
N GLY A 302 -33.60 1.15 -0.73
CA GLY A 302 -34.03 2.19 -1.65
C GLY A 302 -33.46 3.58 -1.44
N GLU A 303 -32.76 3.79 -0.34
CA GLU A 303 -32.16 5.09 -0.05
C GLU A 303 -30.64 5.04 -0.17
N ARG A 304 -30.07 6.03 -0.84
CA ARG A 304 -28.62 6.08 -1.02
C ARG A 304 -27.90 6.37 0.29
N VAL A 305 -26.88 5.58 0.58
CA VAL A 305 -26.10 5.76 1.80
C VAL A 305 -24.64 6.06 1.47
N GLY A 306 -24.25 5.85 0.21
CA GLY A 306 -22.89 6.12 -0.18
C GLY A 306 -22.53 5.62 -1.57
N GLU A 307 -21.28 5.24 -1.75
CA GLU A 307 -20.80 4.75 -3.04
C GLU A 307 -19.58 3.83 -2.92
N ILE A 308 -19.44 2.93 -3.88
CA ILE A 308 -18.32 2.00 -3.92
C ILE A 308 -17.02 2.77 -4.13
N THR A 309 -15.95 2.30 -3.49
CA THR A 309 -14.64 2.94 -3.65
C THR A 309 -13.74 1.97 -4.42
N SER A 310 -13.70 0.72 -3.96
CA SER A 310 -12.88 -0.31 -4.60
C SER A 310 -13.66 -1.60 -4.72
N GLY A 311 -13.35 -2.38 -5.75
CA GLY A 311 -14.01 -3.65 -5.96
C GLY A 311 -13.12 -4.63 -6.68
N ASN A 312 -13.36 -5.92 -6.50
CA ASN A 312 -12.59 -6.95 -7.17
C ASN A 312 -13.15 -8.30 -6.74
N PHE A 313 -12.71 -9.37 -7.40
CA PHE A 313 -13.18 -10.69 -7.02
C PHE A 313 -12.10 -11.35 -6.19
N SER A 314 -12.49 -11.93 -5.07
CA SER A 314 -11.54 -12.58 -4.19
C SER A 314 -11.55 -14.09 -4.36
N PRO A 315 -10.46 -14.65 -4.89
CA PRO A 315 -10.43 -16.11 -5.06
C PRO A 315 -10.21 -16.78 -3.71
N THR A 316 -9.68 -16.02 -2.75
CA THR A 316 -9.43 -16.55 -1.41
C THR A 316 -10.76 -16.86 -0.72
N LEU A 317 -11.71 -15.94 -0.84
CA LEU A 317 -13.03 -16.13 -0.24
C LEU A 317 -14.05 -16.58 -1.29
N GLY A 318 -13.64 -16.59 -2.55
CA GLY A 318 -14.54 -16.98 -3.63
C GLY A 318 -15.76 -16.09 -3.69
N LYS A 319 -15.55 -14.77 -3.55
CA LYS A 319 -16.66 -13.83 -3.56
C LYS A 319 -16.29 -12.50 -4.17
N SER A 320 -17.29 -11.79 -4.69
CA SER A 320 -17.08 -10.46 -5.24
C SER A 320 -17.10 -9.58 -3.99
N ILE A 321 -16.02 -8.84 -3.76
CA ILE A 321 -15.93 -7.98 -2.58
C ILE A 321 -15.69 -6.51 -2.93
N ALA A 322 -15.99 -5.63 -1.98
CA ALA A 322 -15.79 -4.21 -2.21
C ALA A 322 -15.70 -3.39 -0.95
N LEU A 323 -15.18 -2.18 -1.11
CA LEU A 323 -15.03 -1.21 -0.03
C LEU A 323 -15.99 -0.10 -0.46
N ALA A 324 -16.69 0.50 0.49
CA ALA A 324 -17.64 1.57 0.15
C ALA A 324 -17.70 2.65 1.21
N LEU A 325 -17.73 3.90 0.76
CA LEU A 325 -17.82 5.03 1.66
C LEU A 325 -19.30 5.32 1.82
N VAL A 326 -19.82 5.04 3.01
CA VAL A 326 -21.22 5.23 3.31
C VAL A 326 -21.46 6.03 4.59
N SER A 327 -22.72 6.37 4.83
CA SER A 327 -23.07 7.12 6.03
C SER A 327 -22.80 6.31 7.29
N LYS A 328 -22.60 7.03 8.39
CA LYS A 328 -22.32 6.43 9.69
C LYS A 328 -23.40 5.45 10.14
N SER A 329 -24.61 5.58 9.60
CA SER A 329 -25.71 4.71 9.98
C SER A 329 -25.61 3.26 9.49
N VAL A 330 -24.77 3.01 8.50
CA VAL A 330 -24.62 1.65 7.98
C VAL A 330 -23.87 0.80 9.00
N LYS A 331 -24.33 -0.44 9.19
CA LYS A 331 -23.69 -1.33 10.16
C LYS A 331 -23.50 -2.75 9.63
N ILE A 332 -22.55 -3.46 10.23
CA ILE A 332 -22.26 -4.83 9.84
C ILE A 332 -23.56 -5.64 9.89
N GLY A 333 -23.77 -6.49 8.88
CA GLY A 333 -24.97 -7.29 8.84
C GLY A 333 -26.02 -6.69 7.92
N ASP A 334 -25.95 -5.38 7.71
CA ASP A 334 -26.89 -4.69 6.83
C ASP A 334 -26.93 -5.25 5.42
N GLN A 335 -28.12 -5.31 4.85
CA GLN A 335 -28.31 -5.78 3.49
C GLN A 335 -28.40 -4.51 2.66
N LEU A 336 -27.43 -4.30 1.77
CA LEU A 336 -27.43 -3.12 0.94
C LEU A 336 -27.60 -3.47 -0.53
N GLY A 337 -27.72 -2.44 -1.36
CA GLY A 337 -27.87 -2.65 -2.78
C GLY A 337 -26.87 -1.81 -3.54
N VAL A 338 -26.19 -2.40 -4.51
CA VAL A 338 -25.21 -1.68 -5.31
C VAL A 338 -25.78 -1.52 -6.71
N VAL A 339 -25.85 -0.27 -7.18
CA VAL A 339 -26.40 0.00 -8.49
C VAL A 339 -25.36 -0.09 -9.60
N PHE A 340 -25.49 -1.13 -10.42
CA PHE A 340 -24.59 -1.34 -11.54
C PHE A 340 -25.15 -0.58 -12.75
N PRO A 341 -24.31 -0.31 -13.75
CA PRO A 341 -24.77 0.42 -14.95
C PRO A 341 -26.12 -0.10 -15.48
N GLY A 342 -27.00 0.82 -15.85
CA GLY A 342 -28.29 0.42 -16.35
C GLY A 342 -29.29 0.24 -15.23
N GLY A 343 -28.98 0.78 -14.06
CA GLY A 343 -29.89 0.69 -12.92
C GLY A 343 -30.10 -0.70 -12.32
N LYS A 344 -29.16 -1.61 -12.56
CA LYS A 344 -29.27 -2.97 -12.03
C LYS A 344 -28.75 -3.10 -10.60
N LEU A 345 -29.65 -3.45 -9.69
CA LEU A 345 -29.30 -3.60 -8.29
C LEU A 345 -28.69 -4.96 -7.95
N VAL A 346 -27.55 -4.93 -7.28
CA VAL A 346 -26.86 -6.15 -6.87
C VAL A 346 -26.80 -6.13 -5.35
N GLU A 347 -27.29 -7.19 -4.73
CA GLU A 347 -27.31 -7.27 -3.28
C GLU A 347 -25.90 -7.39 -2.71
N ALA A 348 -25.71 -6.82 -1.53
CA ALA A 348 -24.42 -6.84 -0.87
C ALA A 348 -24.61 -6.87 0.64
N LEU A 349 -23.73 -7.60 1.31
CA LEU A 349 -23.78 -7.72 2.75
C LEU A 349 -22.59 -7.02 3.36
N VAL A 350 -22.85 -6.23 4.40
CA VAL A 350 -21.78 -5.51 5.09
C VAL A 350 -21.16 -6.52 6.06
N VAL A 351 -19.85 -6.72 5.95
CA VAL A 351 -19.16 -7.67 6.83
C VAL A 351 -18.07 -6.97 7.64
N LYS A 352 -17.59 -7.63 8.68
CA LYS A 352 -16.55 -7.09 9.53
C LYS A 352 -15.20 -7.07 8.81
N LYS A 353 -14.45 -5.97 8.99
CA LYS A 353 -13.13 -5.83 8.37
C LYS A 353 -12.07 -6.44 9.28
N PRO A 354 -11.02 -7.02 8.70
CA PRO A 354 -10.76 -7.14 7.27
C PRO A 354 -11.37 -8.41 6.69
N PHE A 355 -11.36 -8.53 5.36
CA PHE A 355 -11.89 -9.71 4.69
C PHE A 355 -11.04 -10.93 5.03
N TYR A 356 -9.72 -10.74 5.01
CA TYR A 356 -8.79 -11.83 5.27
C TYR A 356 -7.47 -11.35 5.84
N ARG A 357 -6.88 -12.18 6.71
CA ARG A 357 -5.58 -11.90 7.30
C ARG A 357 -4.80 -13.19 7.19
N GLY A 358 -3.63 -13.11 6.57
CA GLY A 358 -2.80 -14.29 6.40
C GLY A 358 -1.69 -14.48 7.40
N SER A 359 -0.50 -14.76 6.90
CA SER A 359 0.67 -14.99 7.74
C SER A 359 1.38 -13.70 8.26
N VAL A 360 0.78 -12.48 8.17
CA VAL A 360 1.43 -11.22 8.63
C VAL A 360 1.66 -11.11 10.23
N ARG A 361 2.62 -10.24 10.78
CA ARG A 361 2.98 -10.32 12.27
C ARG A 361 2.80 -9.15 13.38
N ARG A 362 3.93 -8.39 13.60
CA ARG A 362 4.37 -7.34 14.60
C ARG A 362 4.59 -8.06 15.92
#